data_3ROG
#
_entry.id   3ROG
#
_cell.length_a   126.094
_cell.length_b   126.094
_cell.length_c   110.962
_cell.angle_alpha   90.000
_cell.angle_beta   90.000
_cell.angle_gamma   120.000
#
_symmetry.space_group_name_H-M   'H 3 2'
#
loop_
_entity.id
_entity.type
_entity.pdbx_description
1 polymer 'Apolipoprotein A-I-binding protein'
2 non-polymer "THYMIDINE-3'-PHOSPHATE"
3 non-polymer 'SULFATE ION'
4 water water
#
_entity_poly.entity_id   1
_entity_poly.type   'polypeptide(L)'
_entity_poly.pdbx_seq_one_letter_code
;(MSE)QQSVCRARPIWWGTQRRGSET(MSE)AGAAVKYLSQEEAQAVDQELFNEYQFSVDQL(MSE)ELAGLSCATAIAK
AYPPTS(MSE)SKSPPTVLVICGPGNNGGDGLVCARHLKLFGYQPTIYYPKRPNKPLFTGLVTQCQK(MSE)DIPFLGE
(MSE)PPEP(MSE)(MSE)VDELYELVVDAIFGFSFKGDVREPFHSILSVLSGLTVPIASIDIPSGWDVEKGNPSGIQPD
LLISLTAPKKSATHFTGRYHYLGGRFVPPALEKKYQLNLPSYPDTECVYRLQHHHHHH
;
_entity_poly.pdbx_strand_id   A
#
loop_
_chem_comp.id
_chem_comp.type
_chem_comp.name
_chem_comp.formula
SO4 non-polymer 'SULFATE ION' 'O4 S -2'
T3P DNA linking THYMIDINE-3'-PHOSPHATE 'C10 H15 N2 O8 P'
#
# COMPACT_ATOMS: atom_id res chain seq x y z
N ALA A 27 21.28 11.08 0.55
CA ALA A 27 19.87 10.76 0.83
C ALA A 27 19.23 10.01 -0.36
N VAL A 28 18.21 9.21 -0.08
CA VAL A 28 17.54 8.48 -1.16
C VAL A 28 16.87 9.44 -2.18
N LYS A 29 16.79 9.03 -3.44
CA LYS A 29 16.11 9.83 -4.43
C LYS A 29 14.60 9.71 -4.30
N TYR A 30 13.92 10.82 -4.54
CA TYR A 30 12.47 10.92 -4.59
C TYR A 30 12.08 11.05 -6.07
N LEU A 31 11.31 10.08 -6.56
CA LEU A 31 11.14 9.94 -8.00
C LEU A 31 10.03 10.85 -8.53
N SER A 32 10.24 11.42 -9.72
CA SER A 32 9.13 12.05 -10.49
C SER A 32 8.22 10.93 -11.01
N GLN A 33 6.99 11.26 -11.42
CA GLN A 33 6.06 10.21 -11.88
C GLN A 33 6.63 9.53 -13.14
N GLU A 34 7.30 10.33 -13.98
CA GLU A 34 8.00 9.87 -15.16
C GLU A 34 9.12 8.84 -14.85
N GLU A 35 10.03 9.21 -13.94
CA GLU A 35 11.04 8.28 -13.45
C GLU A 35 10.40 6.98 -12.91
N ALA A 36 9.39 7.09 -12.07
CA ALA A 36 8.77 5.90 -11.50
C ALA A 36 8.19 4.99 -12.59
N GLN A 37 7.63 5.59 -13.63
CA GLN A 37 7.02 4.84 -14.73
C GLN A 37 8.07 4.13 -15.53
N ALA A 38 9.22 4.77 -15.66
CA ALA A 38 10.33 4.23 -16.43
C ALA A 38 10.93 3.03 -15.64
N VAL A 39 11.18 3.25 -14.36
CA VAL A 39 11.70 2.16 -13.50
C VAL A 39 10.75 0.96 -13.55
N ASP A 40 9.47 1.20 -13.35
CA ASP A 40 8.49 0.10 -13.38
C ASP A 40 8.59 -0.65 -14.71
N GLN A 41 8.68 0.08 -15.82
CA GLN A 41 8.63 -0.56 -17.15
C GLN A 41 9.94 -1.30 -17.45
N GLU A 42 11.04 -0.73 -17.03
CA GLU A 42 12.29 -1.45 -17.02
C GLU A 42 12.22 -2.79 -16.24
N LEU A 43 11.69 -2.77 -15.02
CA LEU A 43 11.59 -4.00 -14.26
C LEU A 43 10.76 -5.09 -14.97
N PHE A 44 9.70 -4.69 -15.66
CA PHE A 44 8.86 -5.69 -16.29
C PHE A 44 9.30 -6.06 -17.69
N ASN A 45 10.03 -5.17 -18.36
CA ASN A 45 10.41 -5.38 -19.78
C ASN A 45 11.85 -5.79 -19.95
N GLU A 46 12.77 -5.03 -19.40
CA GLU A 46 14.19 -5.36 -19.52
C GLU A 46 14.64 -6.46 -18.53
N TYR A 47 14.16 -6.41 -17.29
CA TYR A 47 14.54 -7.43 -16.31
C TYR A 47 13.62 -8.63 -16.38
N GLN A 48 12.47 -8.48 -17.03
CA GLN A 48 11.48 -9.54 -17.25
C GLN A 48 10.99 -10.19 -15.98
N PHE A 49 10.87 -9.38 -14.95
CA PHE A 49 10.05 -9.78 -13.79
C PHE A 49 8.63 -9.89 -14.21
N SER A 50 7.90 -10.81 -13.59
CA SER A 50 6.49 -10.92 -13.89
C SER A 50 5.67 -10.13 -12.82
N VAL A 51 4.51 -9.64 -13.21
CA VAL A 51 3.68 -8.84 -12.28
C VAL A 51 3.43 -9.60 -10.99
N ASP A 52 3.15 -10.90 -11.09
CA ASP A 52 2.86 -11.78 -9.92
C ASP A 52 3.97 -11.68 -8.91
N GLN A 53 5.21 -11.75 -9.43
CA GLN A 53 6.38 -11.85 -8.58
C GLN A 53 6.57 -10.57 -7.79
N LEU A 54 6.59 -9.44 -8.47
CA LEU A 54 6.86 -8.21 -7.78
C LEU A 54 5.64 -7.74 -6.96
N MSE A 55 4.45 -8.07 -7.39
CA MSE A 55 3.26 -7.83 -6.58
C MSE A 55 3.33 -8.64 -5.30
O MSE A 55 2.97 -8.18 -4.23
CB MSE A 55 2.00 -8.19 -7.36
CG MSE A 55 0.70 -7.94 -6.59
SE MSE A 55 -0.87 -8.03 -7.69
CE MSE A 55 -0.54 -6.37 -8.79
N GLU A 56 3.87 -9.85 -5.37
CA GLU A 56 4.01 -10.65 -4.14
C GLU A 56 5.00 -9.97 -3.15
N LEU A 57 6.15 -9.54 -3.64
CA LEU A 57 7.18 -8.91 -2.79
C LEU A 57 6.72 -7.55 -2.26
N ALA A 58 6.03 -6.77 -3.09
CA ALA A 58 5.52 -5.49 -2.71
C ALA A 58 4.47 -5.71 -1.57
N GLY A 59 3.56 -6.62 -1.78
CA GLY A 59 2.52 -6.84 -0.78
C GLY A 59 3.11 -7.36 0.52
N LEU A 60 4.13 -8.19 0.40
CA LEU A 60 4.82 -8.70 1.57
C LEU A 60 5.54 -7.59 2.29
N SER A 61 6.23 -6.70 1.56
CA SER A 61 6.80 -5.54 2.24
C SER A 61 5.77 -4.73 2.96
N CYS A 62 4.62 -4.48 2.34
CA CYS A 62 3.54 -3.75 3.01
C CYS A 62 3.15 -4.39 4.29
N ALA A 63 2.88 -5.68 4.26
CA ALA A 63 2.38 -6.35 5.49
C ALA A 63 3.50 -6.26 6.54
N THR A 64 4.76 -6.27 6.08
CA THR A 64 5.88 -6.30 6.98
C THR A 64 6.05 -4.93 7.62
N ALA A 65 6.06 -3.87 6.81
CA ALA A 65 6.06 -2.50 7.32
C ALA A 65 4.95 -2.29 8.37
N ILE A 66 3.77 -2.83 8.10
CA ILE A 66 2.67 -2.61 8.99
C ILE A 66 2.87 -3.33 10.32
N ALA A 67 3.43 -4.56 10.29
CA ALA A 67 3.63 -5.35 11.53
C ALA A 67 4.75 -4.77 12.35
N LYS A 68 5.67 -4.06 11.72
CA LYS A 68 6.70 -3.39 12.47
C LYS A 68 6.22 -2.06 13.07
N ALA A 69 5.41 -1.29 12.34
CA ALA A 69 4.88 -0.04 12.85
C ALA A 69 3.78 -0.28 13.92
N TYR A 70 3.00 -1.33 13.76
CA TYR A 70 1.85 -1.57 14.60
C TYR A 70 1.83 -3.03 15.02
N PRO A 71 2.87 -3.46 15.77
CA PRO A 71 3.03 -4.87 16.08
C PRO A 71 1.81 -5.34 16.83
N PRO A 72 1.43 -6.59 16.61
CA PRO A 72 0.20 -7.05 17.23
C PRO A 72 0.11 -6.87 18.76
N THR A 73 1.21 -7.03 19.48
CA THR A 73 1.15 -6.86 20.93
C THR A 73 0.94 -5.41 21.39
N SER A 74 1.27 -4.44 20.54
CA SER A 74 1.00 -3.04 20.86
C SER A 74 -0.51 -2.63 20.75
N MSE A 75 -1.37 -3.51 20.25
CA MSE A 75 -2.74 -3.14 19.91
C MSE A 75 -3.58 -3.72 20.99
O MSE A 75 -3.14 -4.63 21.64
CB MSE A 75 -3.17 -3.78 18.60
CG MSE A 75 -2.14 -3.67 17.51
SE MSE A 75 -2.25 -1.90 16.77
CE MSE A 75 -3.19 -2.43 15.13
N SER A 76 -4.79 -3.21 21.16
CA SER A 76 -5.62 -3.65 22.27
C SER A 76 -6.62 -4.79 21.93
N LYS A 77 -6.91 -5.02 20.65
CA LYS A 77 -7.69 -6.22 20.27
C LYS A 77 -6.71 -7.33 19.90
N SER A 78 -7.11 -8.57 20.17
CA SER A 78 -6.30 -9.74 19.93
C SER A 78 -7.13 -10.81 19.26
N PRO A 79 -6.89 -11.04 17.95
CA PRO A 79 -5.91 -10.43 17.06
C PRO A 79 -6.33 -9.04 16.64
N PRO A 80 -5.39 -8.19 16.26
CA PRO A 80 -5.82 -6.88 15.92
C PRO A 80 -6.49 -6.82 14.55
N THR A 81 -7.43 -5.89 14.38
CA THR A 81 -8.33 -5.83 13.21
C THR A 81 -7.79 -4.80 12.19
N VAL A 82 -7.98 -5.04 10.90
CA VAL A 82 -7.43 -4.12 9.87
C VAL A 82 -8.36 -4.19 8.71
N LEU A 83 -8.69 -3.04 8.13
CA LEU A 83 -9.50 -2.96 6.94
C LEU A 83 -8.60 -2.61 5.81
N VAL A 84 -8.59 -3.42 4.76
CA VAL A 84 -7.72 -3.13 3.60
C VAL A 84 -8.63 -2.77 2.45
N ILE A 85 -8.48 -1.55 1.96
CA ILE A 85 -9.30 -1.08 0.90
C ILE A 85 -8.53 -1.10 -0.40
N CYS A 86 -9.02 -1.92 -1.35
CA CYS A 86 -8.27 -2.16 -2.57
C CYS A 86 -8.86 -1.47 -3.76
N GLY A 87 -7.99 -0.75 -4.48
CA GLY A 87 -8.33 -0.10 -5.72
C GLY A 87 -8.50 -1.01 -6.94
N PRO A 88 -8.76 -0.39 -8.09
CA PRO A 88 -9.16 -1.11 -9.29
C PRO A 88 -7.98 -1.66 -10.14
N GLY A 89 -6.75 -1.46 -9.68
CA GLY A 89 -5.55 -1.75 -10.44
C GLY A 89 -4.54 -2.47 -9.55
N ASN A 90 -3.27 -2.16 -9.82
CA ASN A 90 -2.18 -2.93 -9.26
C ASN A 90 -1.96 -2.62 -7.79
N ASN A 91 -2.08 -1.34 -7.45
CA ASN A 91 -2.06 -0.93 -6.05
C ASN A 91 -3.08 -1.75 -5.25
N GLY A 92 -4.26 -1.98 -5.79
CA GLY A 92 -5.23 -2.80 -5.06
C GLY A 92 -4.78 -4.23 -4.94
N GLY A 93 -4.09 -4.68 -5.98
CA GLY A 93 -3.40 -5.97 -5.98
C GLY A 93 -2.42 -6.18 -4.84
N ASP A 94 -1.59 -5.21 -4.65
CA ASP A 94 -0.65 -5.15 -3.55
C ASP A 94 -1.42 -5.25 -2.24
N GLY A 95 -2.56 -4.60 -2.18
CA GLY A 95 -3.40 -4.66 -1.00
C GLY A 95 -3.92 -6.02 -0.68
N LEU A 96 -4.33 -6.73 -1.72
CA LEU A 96 -4.81 -8.09 -1.57
C LEU A 96 -3.73 -9.03 -1.02
N VAL A 97 -2.54 -8.91 -1.57
CA VAL A 97 -1.40 -9.66 -1.08
C VAL A 97 -1.04 -9.27 0.37
N CYS A 98 -1.01 -7.96 0.63
CA CYS A 98 -0.80 -7.45 1.98
C CYS A 98 -1.77 -8.05 2.98
N ALA A 99 -3.04 -8.10 2.63
CA ALA A 99 -4.02 -8.70 3.53
C ALA A 99 -3.70 -10.11 3.92
N ARG A 100 -3.28 -10.88 2.94
CA ARG A 100 -3.07 -12.35 3.12
C ARG A 100 -1.86 -12.55 4.06
N HIS A 101 -0.78 -11.80 3.79
CA HIS A 101 0.34 -11.81 4.69
C HIS A 101 0.04 -11.31 6.08
N LEU A 102 -0.82 -10.31 6.18
CA LEU A 102 -1.16 -9.73 7.48
C LEU A 102 -1.85 -10.79 8.34
N LYS A 103 -2.70 -11.59 7.72
CA LYS A 103 -3.38 -12.68 8.37
C LYS A 103 -2.37 -13.71 8.92
N LEU A 104 -1.39 -14.09 8.10
CA LEU A 104 -0.33 -14.96 8.55
C LEU A 104 0.48 -14.34 9.66
N PHE A 105 0.63 -13.02 9.64
CA PHE A 105 1.37 -12.36 10.71
C PHE A 105 0.53 -12.20 12.00
N GLY A 106 -0.70 -12.73 12.04
CA GLY A 106 -1.50 -12.64 13.28
C GLY A 106 -2.48 -11.45 13.38
N TYR A 107 -2.73 -10.74 12.27
CA TYR A 107 -3.78 -9.75 12.23
C TYR A 107 -5.06 -10.44 11.74
N GLN A 108 -6.17 -9.77 11.95
CA GLN A 108 -7.43 -10.24 11.43
C GLN A 108 -7.91 -9.24 10.38
N PRO A 109 -7.51 -9.45 9.11
CA PRO A 109 -7.92 -8.44 8.16
C PRO A 109 -9.31 -8.66 7.62
N THR A 110 -9.90 -7.56 7.15
CA THR A 110 -11.10 -7.52 6.35
C THR A 110 -10.79 -6.71 5.10
N ILE A 111 -11.39 -7.09 3.98
CA ILE A 111 -11.12 -6.40 2.68
C ILE A 111 -12.37 -5.73 2.13
N TYR A 112 -12.19 -4.52 1.59
CA TYR A 112 -13.15 -3.92 0.74
C TYR A 112 -12.57 -3.69 -0.61
N TYR A 113 -13.23 -4.31 -1.59
CA TYR A 113 -12.71 -4.40 -2.95
C TYR A 113 -13.86 -4.20 -3.94
N PRO A 114 -14.24 -2.95 -4.15
CA PRO A 114 -15.48 -2.71 -4.88
C PRO A 114 -15.34 -2.91 -6.39
N LYS A 115 -14.20 -2.58 -6.98
CA LYS A 115 -14.05 -2.68 -8.44
C LYS A 115 -12.93 -3.63 -8.78
N ARG A 116 -13.30 -4.81 -9.27
CA ARG A 116 -12.36 -5.89 -9.43
C ARG A 116 -12.16 -6.24 -10.90
N PRO A 117 -10.94 -6.09 -11.44
CA PRO A 117 -10.83 -6.55 -12.83
C PRO A 117 -11.03 -8.07 -12.95
N ASN A 118 -11.64 -8.49 -14.05
CA ASN A 118 -11.79 -9.89 -14.37
C ASN A 118 -10.57 -10.33 -15.17
N LYS A 119 -9.42 -10.37 -14.52
CA LYS A 119 -8.23 -11.01 -15.01
C LYS A 119 -7.85 -12.07 -13.97
N PRO A 120 -7.21 -13.17 -14.43
CA PRO A 120 -6.74 -14.27 -13.57
C PRO A 120 -5.86 -13.84 -12.39
N LEU A 121 -4.97 -12.85 -12.59
CA LEU A 121 -4.19 -12.29 -11.47
C LEU A 121 -5.11 -11.93 -10.27
N PHE A 122 -6.12 -11.13 -10.54
CA PHE A 122 -6.97 -10.61 -9.48
C PHE A 122 -8.00 -11.66 -9.01
N THR A 123 -8.50 -12.48 -9.92
CA THR A 123 -9.44 -13.51 -9.51
C THR A 123 -8.73 -14.57 -8.63
N GLY A 124 -7.46 -14.88 -8.97
CA GLY A 124 -6.61 -15.72 -8.15
C GLY A 124 -6.43 -15.18 -6.74
N LEU A 125 -5.95 -13.96 -6.66
CA LEU A 125 -5.76 -13.34 -5.36
C LEU A 125 -7.04 -13.32 -4.48
N VAL A 126 -8.18 -13.04 -5.10
CA VAL A 126 -9.44 -13.08 -4.37
C VAL A 126 -9.72 -14.47 -3.76
N THR A 127 -9.47 -15.52 -4.56
CA THR A 127 -9.81 -16.87 -4.11
C THR A 127 -8.92 -17.23 -2.93
N GLN A 128 -7.67 -16.85 -3.06
CA GLN A 128 -6.68 -17.08 -2.01
C GLN A 128 -7.13 -16.43 -0.73
N CYS A 129 -7.52 -15.16 -0.80
CA CYS A 129 -7.98 -14.49 0.41
C CYS A 129 -9.27 -15.07 0.96
N GLN A 130 -10.20 -15.42 0.09
CA GLN A 130 -11.45 -16.01 0.49
C GLN A 130 -11.24 -17.28 1.30
N LYS A 131 -10.35 -18.12 0.80
CA LYS A 131 -10.03 -19.43 1.41
C LYS A 131 -9.14 -19.32 2.67
N MSE A 132 -8.56 -18.16 2.86
CA MSE A 132 -7.94 -17.81 4.13
C MSE A 132 -8.90 -17.22 5.10
O MSE A 132 -8.49 -16.69 6.12
CB MSE A 132 -6.87 -16.77 3.88
CG MSE A 132 -6.03 -17.27 2.85
SE MSE A 132 -4.20 -17.27 3.28
CE MSE A 132 -4.25 -18.17 4.85
N ASP A 133 -10.18 -17.26 4.75
CA ASP A 133 -11.28 -16.81 5.62
C ASP A 133 -11.09 -15.32 5.91
N ILE A 134 -10.54 -14.56 4.94
CA ILE A 134 -10.53 -13.13 5.01
C ILE A 134 -11.85 -12.68 4.36
N PRO A 135 -12.72 -11.96 5.11
CA PRO A 135 -13.97 -11.51 4.53
C PRO A 135 -13.79 -10.29 3.60
N PHE A 136 -14.56 -10.29 2.50
CA PHE A 136 -14.70 -9.12 1.60
C PHE A 136 -16.04 -8.46 1.92
N LEU A 137 -15.99 -7.24 2.39
CA LEU A 137 -17.21 -6.50 2.69
C LEU A 137 -18.03 -6.23 1.41
N GLY A 138 -19.38 -6.42 1.56
CA GLY A 138 -20.36 -6.00 0.59
C GLY A 138 -20.44 -4.48 0.37
N GLU A 139 -20.23 -3.68 1.41
CA GLU A 139 -20.22 -2.21 1.27
C GLU A 139 -19.27 -1.61 2.26
N MSE A 140 -18.83 -0.41 1.97
CA MSE A 140 -18.03 0.37 2.90
C MSE A 140 -18.96 0.80 4.07
O MSE A 140 -20.06 1.34 3.83
CB MSE A 140 -17.61 1.61 2.15
CG MSE A 140 -16.64 2.48 2.85
SE MSE A 140 -14.87 1.75 2.96
CE MSE A 140 -14.33 3.17 4.22
N PRO A 141 -18.52 0.62 5.35
CA PRO A 141 -19.21 1.30 6.48
C PRO A 141 -19.35 2.75 6.15
N PRO A 142 -20.56 3.30 6.20
CA PRO A 142 -20.76 4.64 5.64
C PRO A 142 -20.16 5.78 6.51
N GLU A 143 -19.99 5.51 7.82
CA GLU A 143 -19.52 6.54 8.78
C GLU A 143 -18.16 6.30 9.33
N PRO A 144 -17.36 7.36 9.50
CA PRO A 144 -16.02 7.18 10.04
C PRO A 144 -15.99 6.51 11.40
N MSE A 145 -16.96 6.81 12.23
CA MSE A 145 -17.06 6.23 13.55
C MSE A 145 -17.23 4.73 13.53
O MSE A 145 -16.68 4.02 14.37
CB MSE A 145 -18.23 6.87 14.32
CG MSE A 145 -18.09 6.62 15.79
SE MSE A 145 -19.57 7.13 16.90
CE MSE A 145 -21.03 5.86 16.29
N MSE A 146 -17.94 4.23 12.56
CA MSE A 146 -18.16 2.82 12.44
C MSE A 146 -16.91 2.09 11.95
O MSE A 146 -16.58 1.03 12.44
CB MSE A 146 -19.26 2.60 11.46
CG MSE A 146 -20.56 3.25 11.97
SE MSE A 146 -21.98 2.89 10.65
CE MSE A 146 -21.99 0.98 11.23
N VAL A 147 -16.18 2.70 11.03
CA VAL A 147 -14.87 2.15 10.65
C VAL A 147 -13.96 2.08 11.89
N ASP A 148 -13.86 3.19 12.63
CA ASP A 148 -13.01 3.31 13.81
C ASP A 148 -13.38 2.21 14.85
N GLU A 149 -14.63 1.92 15.00
CA GLU A 149 -15.06 0.97 16.00
C GLU A 149 -14.69 -0.44 15.62
N LEU A 150 -14.73 -0.76 14.35
CA LEU A 150 -14.50 -2.13 13.89
C LEU A 150 -13.06 -2.44 13.52
N TYR A 151 -12.29 -1.43 13.08
CA TYR A 151 -10.99 -1.69 12.51
C TYR A 151 -9.97 -0.79 13.22
N GLU A 152 -8.87 -1.40 13.69
CA GLU A 152 -7.87 -0.67 14.43
C GLU A 152 -6.93 0.04 13.48
N LEU A 153 -6.88 -0.42 12.25
CA LEU A 153 -6.03 0.18 11.24
C LEU A 153 -6.75 0.08 9.93
N VAL A 154 -6.48 1.04 9.06
CA VAL A 154 -7.01 1.00 7.73
C VAL A 154 -5.91 1.09 6.72
N VAL A 155 -5.90 0.18 5.75
CA VAL A 155 -4.81 0.20 4.72
C VAL A 155 -5.41 0.76 3.43
N ASP A 156 -4.83 1.86 2.99
CA ASP A 156 -5.21 2.51 1.76
C ASP A 156 -4.45 1.86 0.63
N ALA A 157 -5.12 0.93 -0.07
CA ALA A 157 -4.47 0.37 -1.29
C ALA A 157 -5.25 0.77 -2.56
N ILE A 158 -5.67 2.03 -2.65
CA ILE A 158 -6.61 2.45 -3.71
C ILE A 158 -5.89 2.79 -4.99
N PHE A 159 -5.11 3.88 -4.99
CA PHE A 159 -4.34 4.28 -6.14
C PHE A 159 -2.84 4.38 -5.82
N GLY A 160 -1.99 4.17 -6.83
CA GLY A 160 -0.57 4.26 -6.61
C GLY A 160 0.11 5.19 -7.57
N PHE A 161 1.37 4.89 -7.89
CA PHE A 161 2.26 5.85 -8.60
C PHE A 161 1.74 6.28 -9.98
N SER A 162 0.86 5.47 -10.57
CA SER A 162 0.29 5.70 -11.91
C SER A 162 -0.89 6.63 -11.91
N PHE A 163 -1.45 6.91 -10.73
CA PHE A 163 -2.60 7.81 -10.62
C PHE A 163 -2.41 9.16 -11.32
N LYS A 164 -3.41 9.54 -12.09
CA LYS A 164 -3.49 10.86 -12.70
C LYS A 164 -4.94 11.37 -12.66
N GLY A 165 -5.82 10.66 -11.96
CA GLY A 165 -7.27 10.92 -11.96
C GLY A 165 -7.61 12.20 -11.22
N ASP A 166 -8.87 12.61 -11.16
CA ASP A 166 -10.06 11.86 -11.60
C ASP A 166 -10.32 10.69 -10.66
N VAL A 167 -10.71 11.03 -9.44
CA VAL A 167 -11.15 10.04 -8.50
C VAL A 167 -12.62 9.77 -8.78
N ARG A 168 -12.92 8.66 -9.43
CA ARG A 168 -14.28 8.33 -9.78
C ARG A 168 -14.93 7.63 -8.64
N GLU A 169 -16.25 7.60 -8.64
CA GLU A 169 -16.93 6.79 -7.65
C GLU A 169 -16.60 5.31 -7.90
N PRO A 170 -16.65 4.48 -6.83
CA PRO A 170 -16.98 4.82 -5.46
C PRO A 170 -15.80 5.39 -4.66
N PHE A 171 -14.67 5.65 -5.29
CA PHE A 171 -13.46 6.08 -4.56
C PHE A 171 -13.54 7.46 -3.97
N HIS A 172 -14.30 8.36 -4.58
CA HIS A 172 -14.46 9.66 -3.96
C HIS A 172 -15.17 9.55 -2.61
N SER A 173 -16.23 8.80 -2.60
CA SER A 173 -17.01 8.64 -1.38
C SER A 173 -16.16 7.87 -0.32
N ILE A 174 -15.27 6.97 -0.77
CA ILE A 174 -14.46 6.21 0.15
C ILE A 174 -13.45 7.12 0.80
N LEU A 175 -12.77 7.96 0.01
CA LEU A 175 -11.79 8.85 0.54
C LEU A 175 -12.37 9.85 1.49
N SER A 176 -13.62 10.21 1.27
CA SER A 176 -14.25 11.16 2.11
C SER A 176 -14.52 10.53 3.51
N VAL A 177 -15.04 9.30 3.60
CA VAL A 177 -15.00 8.55 4.88
C VAL A 177 -13.57 8.46 5.53
N LEU A 178 -12.55 8.14 4.73
CA LEU A 178 -11.22 7.92 5.28
C LEU A 178 -10.71 9.18 5.92
N SER A 179 -11.05 10.31 5.36
CA SER A 179 -10.44 11.55 5.86
C SER A 179 -11.08 11.92 7.17
N GLY A 180 -12.19 11.29 7.57
CA GLY A 180 -12.76 11.57 8.91
C GLY A 180 -12.40 10.57 9.99
N LEU A 181 -11.47 9.67 9.72
CA LEU A 181 -11.22 8.56 10.64
C LEU A 181 -10.36 9.01 11.79
N THR A 182 -10.51 8.37 12.95
CA THR A 182 -9.52 8.58 14.01
C THR A 182 -8.39 7.52 14.03
N VAL A 183 -8.64 6.30 13.57
CA VAL A 183 -7.66 5.24 13.56
C VAL A 183 -6.68 5.51 12.46
N PRO A 184 -5.46 4.98 12.57
CA PRO A 184 -4.46 5.29 11.56
C PRO A 184 -4.75 4.66 10.20
N ILE A 185 -4.29 5.36 9.18
CA ILE A 185 -4.28 4.88 7.82
C ILE A 185 -2.83 4.58 7.44
N ALA A 186 -2.64 3.42 6.82
CA ALA A 186 -1.39 3.07 6.14
C ALA A 186 -1.60 3.07 4.64
N SER A 187 -0.83 3.89 3.96
CA SER A 187 -0.92 4.04 2.53
C SER A 187 0.16 3.27 1.75
N ILE A 188 -0.27 2.59 0.72
CA ILE A 188 0.61 1.84 -0.11
C ILE A 188 1.16 2.71 -1.25
N ASP A 189 2.45 2.98 -1.19
CA ASP A 189 3.16 3.73 -2.22
C ASP A 189 2.89 5.23 -2.29
N ILE A 190 1.63 5.63 -2.38
CA ILE A 190 1.22 7.01 -2.42
C ILE A 190 -0.09 7.15 -1.67
N PRO A 191 -0.35 8.25 -0.97
CA PRO A 191 -1.69 8.34 -0.31
C PRO A 191 -2.69 8.64 -1.40
N SER A 192 -3.69 7.78 -1.52
CA SER A 192 -4.63 7.80 -2.62
C SER A 192 -5.32 9.17 -2.65
N GLY A 193 -5.43 9.77 -3.82
CA GLY A 193 -6.02 11.09 -3.96
C GLY A 193 -5.00 12.21 -3.91
N TRP A 194 -3.73 11.88 -3.70
CA TRP A 194 -2.69 12.90 -3.75
C TRP A 194 -2.18 12.99 -5.17
N ASP A 195 -1.84 14.19 -5.59
CA ASP A 195 -1.00 14.29 -6.81
C ASP A 195 0.35 13.59 -6.55
N VAL A 196 0.75 12.69 -7.45
CA VAL A 196 1.94 11.83 -7.24
C VAL A 196 3.24 12.57 -6.93
N GLU A 197 3.38 13.80 -7.46
CA GLU A 197 4.49 14.70 -7.19
C GLU A 197 4.18 15.82 -6.18
N LYS A 198 3.00 16.46 -6.31
CA LYS A 198 2.61 17.63 -5.51
C LYS A 198 1.79 17.30 -4.25
N GLY A 199 1.36 16.07 -4.06
CA GLY A 199 0.62 15.74 -2.84
C GLY A 199 -0.77 16.37 -2.87
N ASN A 200 -1.33 16.71 -1.70
CA ASN A 200 -2.71 17.20 -1.62
C ASN A 200 -3.04 17.70 -0.22
N PRO A 201 -2.98 19.01 -0.03
CA PRO A 201 -3.20 19.62 1.28
C PRO A 201 -4.54 19.26 1.91
N SER A 202 -5.55 19.00 1.09
CA SER A 202 -6.84 18.63 1.62
C SER A 202 -7.16 17.15 1.46
N GLY A 203 -6.16 16.35 1.12
CA GLY A 203 -6.33 14.90 1.01
C GLY A 203 -6.25 14.15 2.35
N ILE A 204 -6.25 12.83 2.26
CA ILE A 204 -6.01 12.01 3.44
C ILE A 204 -4.60 12.20 4.00
N GLN A 205 -4.50 11.93 5.30
CA GLN A 205 -3.26 12.15 6.05
C GLN A 205 -2.81 10.88 6.74
N PRO A 206 -2.14 9.95 6.02
CA PRO A 206 -1.89 8.67 6.68
C PRO A 206 -0.82 8.75 7.71
N ASP A 207 -0.87 7.77 8.61
CA ASP A 207 0.09 7.66 9.66
C ASP A 207 1.34 6.86 9.20
N LEU A 208 1.15 5.90 8.29
CA LEU A 208 2.26 5.16 7.65
C LEU A 208 2.18 5.26 6.14
N LEU A 209 3.30 5.52 5.51
CA LEU A 209 3.48 5.49 4.07
C LEU A 209 4.53 4.43 3.78
N ILE A 210 4.18 3.43 2.96
CA ILE A 210 5.14 2.47 2.48
C ILE A 210 5.50 2.84 1.04
N SER A 211 6.63 3.48 0.85
CA SER A 211 7.11 3.76 -0.49
C SER A 211 7.67 2.48 -1.10
N LEU A 212 7.23 2.13 -2.31
CA LEU A 212 7.69 0.91 -2.98
C LEU A 212 8.75 1.28 -3.97
N THR A 213 9.86 0.55 -3.87
CA THR A 213 11.06 0.65 -4.65
C THR A 213 11.84 1.88 -4.29
N ALA A 214 11.22 3.05 -4.44
CA ALA A 214 11.77 4.31 -3.94
C ALA A 214 10.65 5.33 -3.78
N PRO A 215 10.86 6.34 -2.94
CA PRO A 215 9.82 7.33 -2.71
C PRO A 215 9.52 8.17 -3.93
N LYS A 216 8.26 8.61 -4.02
CA LYS A 216 7.92 9.63 -5.04
C LYS A 216 8.00 11.00 -4.43
N LYS A 217 8.08 12.03 -5.29
CA LYS A 217 8.18 13.39 -4.84
C LYS A 217 7.09 13.81 -3.89
N SER A 218 5.89 13.25 -3.99
CA SER A 218 4.86 13.65 -3.08
C SER A 218 5.24 13.33 -1.66
N ALA A 219 6.19 12.40 -1.47
CA ALA A 219 6.51 11.92 -0.13
C ALA A 219 7.17 13.01 0.74
N THR A 220 7.70 14.07 0.12
CA THR A 220 8.15 15.22 0.88
C THR A 220 7.00 15.89 1.60
N HIS A 221 5.77 15.64 1.18
CA HIS A 221 4.61 16.22 1.86
C HIS A 221 4.05 15.35 2.96
N PHE A 222 4.64 14.17 3.17
CA PHE A 222 4.17 13.25 4.22
C PHE A 222 4.44 13.78 5.61
N THR A 223 3.45 13.73 6.49
CA THR A 223 3.73 14.15 7.84
C THR A 223 3.14 13.20 8.86
N GLY A 224 3.00 11.93 8.51
CA GLY A 224 2.71 10.87 9.48
C GLY A 224 3.96 10.44 10.22
N ARG A 225 3.84 9.47 11.14
CA ARG A 225 4.96 9.03 11.97
C ARG A 225 5.92 8.05 11.29
N TYR A 226 5.41 7.24 10.36
CA TYR A 226 6.13 6.08 9.86
C TYR A 226 6.24 6.13 8.36
N HIS A 227 7.46 6.23 7.85
CA HIS A 227 7.69 6.14 6.45
C HIS A 227 8.71 5.01 6.24
N TYR A 228 8.24 3.93 5.63
CA TYR A 228 9.06 2.80 5.31
C TYR A 228 9.28 2.74 3.82
N LEU A 229 10.44 2.23 3.44
CA LEU A 229 10.73 1.84 2.08
C LEU A 229 10.61 0.34 1.95
N GLY A 230 9.87 -0.12 0.94
CA GLY A 230 9.69 -1.53 0.65
C GLY A 230 9.96 -1.87 -0.82
N GLY A 231 9.68 -3.14 -1.18
CA GLY A 231 10.09 -3.63 -2.52
C GLY A 231 11.60 -3.80 -2.66
N ARG A 232 12.10 -4.76 -1.86
CA ARG A 232 13.53 -5.17 -1.86
C ARG A 232 13.77 -6.15 -3.04
N PHE A 233 13.98 -5.53 -4.19
CA PHE A 233 14.09 -6.22 -5.45
C PHE A 233 14.69 -5.34 -6.51
N VAL A 234 15.15 -4.17 -6.13
CA VAL A 234 15.80 -3.33 -7.12
C VAL A 234 17.21 -3.79 -7.46
N PRO A 235 17.40 -4.24 -8.67
CA PRO A 235 18.72 -4.66 -9.11
C PRO A 235 19.67 -3.50 -9.05
N PRO A 236 20.87 -3.75 -8.58
CA PRO A 236 21.90 -2.74 -8.41
C PRO A 236 22.16 -1.91 -9.65
N ALA A 237 21.98 -2.49 -10.80
CA ALA A 237 22.25 -1.80 -12.02
C ALA A 237 21.15 -0.82 -12.30
N LEU A 238 19.95 -1.19 -11.91
CA LEU A 238 18.83 -0.27 -12.03
C LEU A 238 18.98 0.88 -11.04
N GLU A 239 19.32 0.57 -9.79
CA GLU A 239 19.52 1.63 -8.82
C GLU A 239 20.61 2.62 -9.28
N LYS A 240 21.71 2.12 -9.83
CA LYS A 240 22.82 2.96 -10.27
C LYS A 240 22.43 3.84 -11.46
N LYS A 241 21.81 3.23 -12.47
CA LYS A 241 21.33 3.95 -13.65
C LYS A 241 20.41 5.13 -13.26
N TYR A 242 19.53 4.93 -12.25
CA TYR A 242 18.66 6.02 -11.74
C TYR A 242 19.18 6.79 -10.50
N GLN A 243 20.41 6.50 -10.06
CA GLN A 243 20.94 7.02 -8.79
C GLN A 243 19.87 7.04 -7.70
N LEU A 244 19.31 5.89 -7.38
CA LEU A 244 18.29 5.89 -6.35
C LEU A 244 18.89 6.18 -4.97
N ASN A 245 20.15 5.86 -4.74
CA ASN A 245 20.80 6.03 -3.44
C ASN A 245 19.98 5.34 -2.35
N LEU A 246 19.56 4.12 -2.65
CA LEU A 246 18.69 3.41 -1.76
C LEU A 246 19.53 3.10 -0.55
N PRO A 247 18.91 3.10 0.61
CA PRO A 247 19.64 2.72 1.76
C PRO A 247 19.90 1.20 1.80
N SER A 248 20.77 0.79 2.72
CA SER A 248 21.06 -0.60 2.99
C SER A 248 19.99 -1.22 3.87
N TYR A 249 19.25 -2.16 3.31
CA TYR A 249 18.34 -2.94 4.12
C TYR A 249 19.12 -3.81 5.12
N PRO A 250 18.63 -3.93 6.36
CA PRO A 250 19.35 -4.74 7.32
C PRO A 250 19.13 -6.24 7.11
N ASP A 251 20.20 -7.00 7.25
CA ASP A 251 20.19 -8.47 7.13
C ASP A 251 19.25 -8.98 6.02
N THR A 252 18.21 -9.69 6.39
CA THR A 252 17.31 -10.20 5.40
C THR A 252 15.96 -9.47 5.41
N GLU A 253 15.91 -8.24 5.91
CA GLU A 253 14.63 -7.51 6.02
C GLU A 253 14.22 -7.00 4.66
N CYS A 254 12.93 -7.00 4.40
CA CYS A 254 12.40 -6.46 3.16
C CYS A 254 11.79 -5.04 3.30
N VAL A 255 11.97 -4.38 4.45
CA VAL A 255 11.56 -2.99 4.65
C VAL A 255 12.69 -2.27 5.39
N TYR A 256 12.79 -0.96 5.16
CA TYR A 256 13.73 -0.08 5.85
C TYR A 256 12.98 1.17 6.32
N ARG A 257 13.14 1.55 7.58
CA ARG A 257 12.50 2.74 8.11
C ARG A 257 13.29 3.99 7.80
N LEU A 258 12.72 4.86 6.97
CA LEU A 258 13.40 6.12 6.61
C LEU A 258 13.17 7.15 7.73
N GLN A 259 14.13 7.99 8.06
CA GLN A 259 13.90 8.97 9.16
C GLN A 259 14.50 10.33 8.92
P T3P B . 2.73 -3.71 -8.48
OP1 T3P B . 2.29 -2.54 -7.61
OP2 T3P B . 2.15 -5.05 -8.05
OP3 T3P B . 2.62 -3.53 -9.99
O5' T3P B . 7.50 -1.83 -10.61
C5' T3P B . 7.73 -2.88 -9.66
C4' T3P B . 6.65 -3.08 -8.58
O4' T3P B . 6.73 -2.09 -7.57
C3' T3P B . 5.23 -3.00 -9.12
O3' T3P B . 4.34 -3.71 -8.24
C2' T3P B . 4.93 -1.52 -9.05
C1' T3P B . 5.68 -1.14 -7.79
N1 T3P B . 6.21 0.22 -7.89
C2 T3P B . 5.54 1.20 -7.14
O2 T3P B . 4.55 0.86 -6.48
N3 T3P B . 5.95 2.49 -7.14
C4 T3P B . 7.01 2.90 -7.86
O4 T3P B . 7.35 4.12 -7.82
C5 T3P B . 7.77 1.89 -8.68
C5M T3P B . 8.98 2.27 -9.54
C6 T3P B . 7.29 0.56 -8.64
S SO4 C . -2.45 1.58 -9.87
O1 SO4 C . -3.28 0.66 -9.08
O2 SO4 C . -2.82 3.00 -9.68
O3 SO4 C . -2.67 1.14 -11.27
O4 SO4 C . -1.02 1.47 -9.55
#